data_3T2F
#
_entry.id   3T2F
#
_cell.length_a   112.300
_cell.length_b   112.300
_cell.length_c   151.190
_cell.angle_alpha   90.00
_cell.angle_beta   90.00
_cell.angle_gamma   90.00
#
_symmetry.space_group_name_H-M   'I 4 2 2'
#
loop_
_entity.id
_entity.type
_entity.pdbx_description
1 polymer 'Fructose-1,6-bisphosphate aldolase/phosphatase'
2 non-polymer 'MAGNESIUM ION'
3 water water
#
_entity_poly.entity_id   1
_entity_poly.type   'polypeptide(L)'
_entity_poly.pdbx_seq_one_letter_code
;MRVTVSIIKADVGGFPGHAHVHPKMLEYAAAKLKEAQKRGVIIDYFVYNVGDDISLLMTHTKGEDNKDIHGLAWETFKEV
TDQIAKRFKLYGAGQDLLKDAFSGNIRGMGPQVAEMEFEERPSEPIIAFAADKTEPGAFNLPLYKMFADPFTTAGLVIDP
SMHEGFIFEVLDVVEHKVYLLKTPEDAYSLLGLIGTTGRYIIRKVFRRADGAPAAANSVERLSLIAGRYVGKDDPVLLVR
AQSGLPAVGEVLEAFAHPHLVHGWMRGSHAGPLMPARFISVDPERRIAIGPKMTRFDGPPKVGALGFQLHEGYLEGGVDL
FDDPAFDYVRQTAAQIADYIRRMGPFQPHRLPPEEMEYTALPKILAKVKPYPADQYEKDRKKYIEAVVKGAKVEESQHDL
EHHHHHH
;
_entity_poly.pdbx_strand_id   A
#
# COMPACT_ATOMS: atom_id res chain seq x y z
N MET A 1 -22.12 6.81 17.72
CA MET A 1 -21.19 7.93 17.73
C MET A 1 -20.39 7.88 16.43
N ARG A 2 -19.94 9.03 15.95
CA ARG A 2 -19.04 9.10 14.82
C ARG A 2 -17.64 8.75 15.26
N VAL A 3 -16.92 7.98 14.47
CA VAL A 3 -15.60 7.59 14.87
C VAL A 3 -14.71 7.77 13.61
N THR A 4 -13.44 8.05 13.78
CA THR A 4 -12.52 8.14 12.65
C THR A 4 -11.57 6.97 12.82
N VAL A 5 -11.27 6.24 11.73
CA VAL A 5 -10.26 5.20 11.89
C VAL A 5 -9.12 5.69 10.94
N SER A 6 -7.91 5.81 11.44
CA SER A 6 -6.80 6.32 10.57
C SER A 6 -5.66 5.32 10.59
N ILE A 7 -5.06 5.03 9.43
CA ILE A 7 -3.83 4.27 9.44
C ILE A 7 -2.81 5.18 8.95
N ILE A 8 -1.75 5.39 9.70
CA ILE A 8 -0.67 6.19 9.16
C ILE A 8 0.64 5.35 9.16
N LYS A 9 1.32 5.29 8.02
CA LYS A 9 2.35 4.23 7.88
C LYS A 9 3.62 4.91 7.38
N ALA A 10 4.79 4.42 7.78
CA ALA A 10 6.03 4.86 7.16
C ALA A 10 7.02 3.75 7.20
N ASP A 11 8.01 3.83 6.31
CA ASP A 11 9.23 3.01 6.50
C ASP A 11 10.30 3.99 7.11
N VAL A 12 10.82 3.67 8.28
CA VAL A 12 11.77 4.58 8.99
C VAL A 12 12.94 3.76 9.39
N GLY A 13 13.08 2.56 8.78
CA GLY A 13 14.34 1.87 9.07
C GLY A 13 14.13 0.40 8.90
N GLY A 14 15.09 -0.27 8.26
CA GLY A 14 14.95 -1.74 8.04
C GLY A 14 16.00 -2.60 8.73
N PHE A 15 15.74 -3.91 8.76
CA PHE A 15 16.50 -4.75 9.66
C PHE A 15 16.55 -6.24 9.22
N PRO A 16 17.60 -6.68 8.52
CA PRO A 16 18.55 -5.86 7.81
C PRO A 16 18.05 -5.32 6.46
N GLY A 17 18.63 -4.23 5.94
CA GLY A 17 18.29 -3.73 4.60
C GLY A 17 16.82 -3.37 4.55
N HIS A 18 16.06 -3.93 3.59
CA HIS A 18 14.60 -3.67 3.55
C HIS A 18 13.76 -4.93 3.89
N ALA A 19 14.36 -5.84 4.64
CA ALA A 19 13.77 -7.20 4.85
C ALA A 19 12.67 -7.20 5.92
N HIS A 20 12.83 -6.35 6.95
CA HIS A 20 11.86 -6.41 8.07
C HIS A 20 12.07 -5.14 8.92
N VAL A 21 11.40 -5.06 10.06
CA VAL A 21 11.61 -3.95 11.05
C VAL A 21 12.26 -4.55 12.29
N HIS A 22 12.92 -3.68 13.09
CA HIS A 22 13.49 -4.12 14.35
C HIS A 22 12.32 -4.19 15.37
N PRO A 23 12.15 -5.29 16.14
CA PRO A 23 10.90 -5.31 16.97
C PRO A 23 10.81 -4.15 18.00
N LYS A 24 11.96 -3.61 18.42
CA LYS A 24 11.90 -2.46 19.39
C LYS A 24 11.20 -1.27 18.77
N MET A 25 11.25 -1.16 17.43
CA MET A 25 10.54 -0.07 16.79
C MET A 25 9.04 -0.17 17.03
N LEU A 26 8.46 -1.40 16.95
CA LEU A 26 7.02 -1.51 17.18
C LEU A 26 6.68 -1.29 18.67
N GLU A 27 7.54 -1.85 19.51
CA GLU A 27 7.34 -1.71 20.99
C GLU A 27 7.35 -0.19 21.41
N TYR A 28 8.33 0.54 20.88
CA TYR A 28 8.40 1.99 21.16
C TYR A 28 7.11 2.70 20.62
N ALA A 29 6.74 2.43 19.37
CA ALA A 29 5.51 3.04 18.85
C ALA A 29 4.32 2.67 19.68
N ALA A 30 4.23 1.43 20.14
CA ALA A 30 3.03 1.04 20.89
C ALA A 30 2.96 1.78 22.25
N ALA A 31 4.11 1.96 22.88
CA ALA A 31 4.18 2.64 24.24
C ALA A 31 3.85 4.10 24.05
N LYS A 32 4.28 4.70 22.94
CA LYS A 32 3.97 6.05 22.68
C LYS A 32 2.47 6.27 22.41
N LEU A 33 1.83 5.41 21.64
CA LEU A 33 0.40 5.53 21.42
C LEU A 33 -0.35 5.19 22.70
N LYS A 34 0.21 4.31 23.53
CA LYS A 34 -0.49 4.03 24.79
C LYS A 34 -0.62 5.34 25.69
N GLU A 35 0.43 6.14 25.66
CA GLU A 35 0.45 7.46 26.35
C GLU A 35 -0.52 8.45 25.73
N ALA A 36 -0.54 8.51 24.40
CA ALA A 36 -1.57 9.32 23.74
C ALA A 36 -2.98 8.86 24.14
N GLN A 37 -3.17 7.55 24.24
CA GLN A 37 -4.49 7.08 24.62
C GLN A 37 -4.85 7.52 26.07
N LYS A 38 -3.86 7.43 26.98
CA LYS A 38 -4.03 7.82 28.42
C LYS A 38 -4.40 9.32 28.49
N ARG A 39 -3.79 10.16 27.67
CA ARG A 39 -4.10 11.57 27.56
C ARG A 39 -5.35 11.91 26.79
N GLY A 40 -6.05 10.92 26.20
CA GLY A 40 -7.32 11.15 25.48
C GLY A 40 -7.14 11.67 24.06
N VAL A 41 -5.91 11.70 23.52
CA VAL A 41 -5.69 12.07 22.11
C VAL A 41 -6.43 11.08 21.14
N ILE A 42 -6.35 9.80 21.47
CA ILE A 42 -6.98 8.79 20.62
C ILE A 42 -7.70 7.88 21.54
N ILE A 43 -8.68 7.16 21.01
CA ILE A 43 -9.36 6.10 21.72
C ILE A 43 -8.58 4.75 21.82
N ASP A 44 -7.98 4.29 20.68
CA ASP A 44 -7.38 2.97 20.68
C ASP A 44 -6.50 2.85 19.47
N TYR A 45 -5.64 1.82 19.45
CA TYR A 45 -4.54 1.83 18.42
C TYR A 45 -4.14 0.35 18.23
N PHE A 46 -3.39 0.10 17.15
CA PHE A 46 -2.74 -1.23 16.96
C PHE A 46 -1.54 -0.92 16.09
N VAL A 47 -0.36 -1.51 16.41
CA VAL A 47 0.87 -1.17 15.73
C VAL A 47 1.37 -2.47 15.04
N TYR A 48 1.81 -2.39 13.77
CA TYR A 48 2.22 -3.66 13.11
C TYR A 48 3.08 -3.30 11.89
N ASN A 49 3.89 -4.28 11.43
CA ASN A 49 4.58 -3.98 10.18
C ASN A 49 4.19 -5.09 9.13
N VAL A 50 4.47 -4.80 7.87
CA VAL A 50 4.60 -5.88 6.87
C VAL A 50 5.90 -5.44 6.21
N GLY A 51 6.84 -6.37 6.15
CA GLY A 51 8.20 -6.03 5.68
C GLY A 51 8.79 -4.91 6.54
N ASP A 52 9.33 -3.88 5.90
CA ASP A 52 9.97 -2.81 6.70
C ASP A 52 9.03 -1.59 6.78
N ASP A 53 7.73 -1.76 6.59
CA ASP A 53 6.75 -0.69 6.70
C ASP A 53 5.98 -0.79 8.01
N ILE A 54 5.98 0.29 8.82
CA ILE A 54 5.21 0.23 10.06
C ILE A 54 3.90 0.98 9.91
N SER A 55 2.76 0.36 10.30
CA SER A 55 1.47 0.99 10.27
C SER A 55 1.06 1.33 11.73
N LEU A 56 0.60 2.58 11.91
CA LEU A 56 -0.03 2.98 13.19
C LEU A 56 -1.48 3.08 12.90
N LEU A 57 -2.26 2.15 13.42
CA LEU A 57 -3.71 2.19 13.21
C LEU A 57 -4.29 2.85 14.45
N MET A 58 -5.08 3.91 14.26
CA MET A 58 -5.56 4.66 15.48
C MET A 58 -7.01 4.97 15.27
N THR A 59 -7.75 4.89 16.36
CA THR A 59 -9.17 5.24 16.28
C THR A 59 -9.34 6.51 17.21
N HIS A 60 -10.25 7.42 16.85
CA HIS A 60 -10.25 8.73 17.60
C HIS A 60 -11.49 9.43 17.08
N THR A 61 -11.73 10.67 17.57
CA THR A 61 -12.99 11.33 17.16
C THR A 61 -12.63 12.73 16.64
N LYS A 62 -11.40 12.89 16.06
CA LYS A 62 -10.94 14.18 15.57
C LYS A 62 -11.13 14.38 14.08
N GLY A 63 -11.79 13.43 13.41
CA GLY A 63 -12.08 13.57 12.00
C GLY A 63 -10.83 13.32 11.11
N GLU A 64 -11.07 13.37 9.80
CA GLU A 64 -10.00 13.15 8.74
C GLU A 64 -9.08 14.35 8.62
N ASP A 65 -7.82 14.12 8.19
CA ASP A 65 -6.92 15.22 8.01
C ASP A 65 -6.74 16.07 9.27
N ASN A 66 -6.72 15.41 10.42
CA ASN A 66 -6.56 16.15 11.66
C ASN A 66 -5.07 16.40 12.04
N LYS A 67 -4.70 17.69 12.22
CA LYS A 67 -3.39 18.02 12.71
C LYS A 67 -2.89 17.29 13.91
N ASP A 68 -3.71 16.99 14.92
CA ASP A 68 -3.12 16.38 16.09
C ASP A 68 -2.90 14.87 15.84
N ILE A 69 -3.75 14.25 15.06
CA ILE A 69 -3.54 12.79 14.79
C ILE A 69 -2.32 12.60 13.83
N HIS A 70 -2.28 13.41 12.77
CA HIS A 70 -1.18 13.41 11.82
C HIS A 70 0.07 13.75 12.56
N GLY A 71 0.04 14.77 13.44
CA GLY A 71 1.26 15.14 14.23
C GLY A 71 1.66 14.09 15.22
N LEU A 72 0.70 13.43 15.88
CA LEU A 72 1.06 12.35 16.75
C LEU A 72 1.85 11.20 15.97
N ALA A 73 1.39 10.89 14.77
CA ALA A 73 2.06 9.78 14.00
C ALA A 73 3.45 10.31 13.56
N TRP A 74 3.52 11.59 13.08
CA TRP A 74 4.80 12.24 12.74
C TRP A 74 5.79 12.09 13.89
N GLU A 75 5.36 12.43 15.10
CA GLU A 75 6.29 12.47 16.22
C GLU A 75 6.68 11.05 16.59
N THR A 76 5.71 10.13 16.53
CA THR A 76 5.97 8.73 16.85
C THR A 76 7.10 8.20 15.86
N PHE A 77 6.90 8.40 14.56
CA PHE A 77 7.93 8.05 13.55
C PHE A 77 9.29 8.75 13.78
N LYS A 78 9.24 10.07 14.17
CA LYS A 78 10.48 10.82 14.41
C LYS A 78 11.19 10.22 15.54
N GLU A 79 10.50 9.97 16.65
CA GLU A 79 11.08 9.37 17.82
C GLU A 79 11.61 7.92 17.62
N VAL A 80 10.82 7.09 16.98
CA VAL A 80 11.34 5.74 16.56
C VAL A 80 12.65 5.87 15.77
N THR A 81 12.69 6.80 14.82
CA THR A 81 13.87 7.08 14.03
C THR A 81 15.06 7.48 14.94
N ASP A 82 14.86 8.53 15.76
CA ASP A 82 15.94 9.03 16.63
C ASP A 82 16.44 8.08 17.69
N GLN A 83 15.53 7.36 18.34
CA GLN A 83 15.85 6.57 19.49
C GLN A 83 16.20 5.13 19.12
N ILE A 84 15.62 4.61 18.01
CA ILE A 84 15.87 3.19 17.66
C ILE A 84 16.60 3.04 16.34
N ALA A 85 16.09 3.65 15.27
CA ALA A 85 16.70 3.39 13.95
C ALA A 85 18.11 3.98 13.84
N LYS A 86 18.29 5.21 14.29
CA LYS A 86 19.62 5.83 14.23
C LYS A 86 20.56 5.21 15.24
N ARG A 87 20.02 4.87 16.39
CA ARG A 87 20.80 4.20 17.39
C ARG A 87 21.39 2.90 16.84
N PHE A 88 20.57 2.08 16.12
CA PHE A 88 21.07 0.79 15.67
C PHE A 88 21.62 0.88 14.23
N LYS A 89 21.75 2.09 13.71
CA LYS A 89 22.14 2.33 12.31
C LYS A 89 21.35 1.43 11.30
N LEU A 90 20.04 1.34 11.57
CA LEU A 90 19.12 0.60 10.64
C LEU A 90 19.20 1.12 9.22
N TYR A 91 18.89 0.23 8.26
CA TYR A 91 19.06 0.63 6.89
C TYR A 91 17.90 1.54 6.48
N GLY A 92 18.20 2.65 5.79
CA GLY A 92 17.17 3.67 5.47
C GLY A 92 16.48 4.24 6.75
N ALA A 93 17.27 4.50 7.79
CA ALA A 93 16.77 5.12 9.01
C ALA A 93 16.03 6.43 8.67
N GLY A 94 14.82 6.64 9.20
CA GLY A 94 14.08 7.88 8.81
C GLY A 94 13.77 8.04 7.32
N GLN A 95 13.89 6.96 6.53
CA GLN A 95 13.75 7.19 5.09
C GLN A 95 12.47 7.91 4.62
N ASP A 96 11.32 7.65 5.23
CA ASP A 96 10.09 8.28 4.72
C ASP A 96 9.77 9.60 5.42
N LEU A 97 10.71 10.15 6.21
CA LEU A 97 10.43 11.41 6.88
C LEU A 97 11.15 12.47 6.06
N LEU A 98 10.43 13.14 5.14
CA LEU A 98 11.13 13.92 4.05
C LEU A 98 11.18 15.44 4.21
N LYS A 99 10.61 15.95 5.30
CA LYS A 99 10.79 17.38 5.68
C LYS A 99 11.34 17.46 7.09
N ASP A 100 11.97 18.58 7.42
CA ASP A 100 12.50 18.71 8.80
C ASP A 100 11.39 19.01 9.82
N ALA A 101 10.31 19.68 9.36
CA ALA A 101 9.24 20.18 10.26
C ALA A 101 7.78 19.93 9.79
N PHE A 102 6.95 19.46 10.74
CA PHE A 102 5.51 19.15 10.52
C PHE A 102 4.69 20.42 10.23
N SER A 103 3.95 20.41 9.13
CA SER A 103 3.24 21.56 8.57
C SER A 103 1.79 21.66 9.00
N GLY A 104 1.25 20.65 9.70
CA GLY A 104 -0.21 20.48 9.86
C GLY A 104 -0.82 19.20 9.26
N ASN A 105 -0.26 18.73 8.13
CA ASN A 105 -0.78 17.52 7.46
C ASN A 105 0.36 16.59 7.03
N ILE A 106 0.29 15.31 7.42
CA ILE A 106 1.43 14.41 7.14
C ILE A 106 1.46 13.98 5.62
N ARG A 107 0.33 14.12 4.90
CA ARG A 107 0.22 13.77 3.49
C ARG A 107 1.15 14.59 2.56
N GLY A 108 2.01 13.91 1.82
CA GLY A 108 3.01 14.62 1.00
C GLY A 108 4.33 14.83 1.70
N MET A 109 4.47 14.42 2.98
CA MET A 109 5.76 14.48 3.71
C MET A 109 6.56 13.16 3.67
N GLY A 110 5.97 12.13 3.00
CA GLY A 110 6.53 10.76 2.96
C GLY A 110 5.59 9.65 3.50
N PRO A 111 5.03 9.82 4.70
CA PRO A 111 4.16 8.74 5.23
C PRO A 111 2.87 8.58 4.50
N GLN A 112 2.25 7.42 4.57
CA GLN A 112 1.03 7.21 3.80
C GLN A 112 -0.13 7.22 4.81
N VAL A 113 -1.29 7.68 4.34
CA VAL A 113 -2.47 7.79 5.21
C VAL A 113 -3.66 7.21 4.58
N ALA A 114 -4.43 6.37 5.29
CA ALA A 114 -5.72 6.00 4.76
C ALA A 114 -6.65 6.24 5.94
N GLU A 115 -7.74 6.95 5.75
CA GLU A 115 -8.59 7.22 6.98
C GLU A 115 -10.01 7.37 6.53
N MET A 116 -10.94 7.05 7.42
CA MET A 116 -12.35 7.25 7.10
C MET A 116 -13.01 7.67 8.43
N GLU A 117 -13.98 8.54 8.32
CA GLU A 117 -14.86 8.87 9.46
C GLU A 117 -16.32 8.47 9.15
N PHE A 118 -17.04 7.92 10.10
CA PHE A 118 -18.38 7.39 9.80
C PHE A 118 -19.10 7.20 11.14
N GLU A 119 -20.43 7.11 11.05
CA GLU A 119 -21.18 6.66 12.27
C GLU A 119 -20.91 5.22 12.52
N GLU A 120 -20.46 4.88 13.72
CA GLU A 120 -20.16 3.48 14.05
C GLU A 120 -21.44 2.63 13.98
N ARG A 121 -21.46 1.57 13.15
CA ARG A 121 -22.66 0.75 13.00
C ARG A 121 -22.94 -0.12 14.22
N PRO A 122 -24.17 -0.72 14.28
CA PRO A 122 -24.52 -1.67 15.37
C PRO A 122 -23.47 -2.80 15.48
N SER A 123 -22.97 -3.24 14.31
CA SER A 123 -21.68 -4.03 14.27
C SER A 123 -20.77 -3.38 13.21
N GLU A 124 -19.52 -3.11 13.55
CA GLU A 124 -18.69 -2.32 12.66
C GLU A 124 -17.41 -3.17 12.41
N PRO A 125 -17.55 -4.18 11.55
CA PRO A 125 -16.28 -4.90 11.19
C PRO A 125 -15.46 -4.20 10.13
N ILE A 126 -14.17 -4.09 10.35
CA ILE A 126 -13.33 -3.44 9.38
C ILE A 126 -12.05 -4.31 9.18
N ILE A 127 -11.36 -4.08 8.06
CA ILE A 127 -10.09 -4.77 7.81
C ILE A 127 -9.05 -3.74 7.43
N ALA A 128 -7.89 -3.86 8.02
CA ALA A 128 -6.80 -3.00 7.67
C ALA A 128 -5.78 -3.88 6.88
N PHE A 129 -5.28 -3.36 5.78
CA PHE A 129 -4.29 -4.02 4.95
C PHE A 129 -3.03 -3.19 4.90
N ALA A 130 -1.87 -3.86 4.80
CA ALA A 130 -0.63 -3.15 4.54
C ALA A 130 0.11 -4.02 3.49
N ALA A 131 0.65 -3.41 2.44
CA ALA A 131 1.42 -4.19 1.46
C ALA A 131 2.83 -3.59 1.49
N ASP A 132 3.88 -4.42 1.37
CA ASP A 132 5.24 -3.87 1.36
C ASP A 132 5.79 -4.22 -0.07
N LYS A 133 6.77 -3.44 -0.55
CA LYS A 133 7.41 -3.57 -1.86
C LYS A 133 6.44 -3.44 -2.99
N THR A 134 5.46 -2.56 -2.88
CA THR A 134 4.64 -2.17 -4.02
C THR A 134 4.10 -0.75 -3.92
N GLU A 135 3.23 -0.41 -4.85
CA GLU A 135 2.69 0.97 -4.94
C GLU A 135 1.22 0.93 -4.61
N PRO A 136 0.59 2.13 -4.40
CA PRO A 136 -0.83 2.06 -4.06
C PRO A 136 -1.70 1.42 -5.15
N GLY A 137 -1.29 1.52 -6.44
CA GLY A 137 -2.14 0.91 -7.48
C GLY A 137 -2.12 -0.63 -7.41
N ALA A 138 -1.27 -1.19 -6.57
CA ALA A 138 -1.38 -2.63 -6.28
C ALA A 138 -2.76 -3.00 -5.78
N PHE A 139 -3.45 -2.06 -5.08
CA PHE A 139 -4.77 -2.41 -4.60
C PHE A 139 -5.87 -2.08 -5.59
N ASN A 140 -5.51 -1.57 -6.78
CA ASN A 140 -6.55 -1.28 -7.74
C ASN A 140 -7.30 -2.52 -8.12
N LEU A 141 -6.57 -3.59 -8.43
CA LEU A 141 -7.32 -4.78 -8.91
C LEU A 141 -8.23 -5.37 -7.72
N PRO A 142 -7.69 -5.52 -6.47
CA PRO A 142 -8.55 -6.08 -5.41
C PRO A 142 -9.74 -5.14 -5.09
N LEU A 143 -9.50 -3.81 -5.09
CA LEU A 143 -10.66 -2.88 -4.81
C LEU A 143 -11.70 -2.95 -5.87
N TYR A 144 -11.27 -3.01 -7.13
CA TYR A 144 -12.24 -3.17 -8.20
C TYR A 144 -12.97 -4.49 -7.99
N LYS A 145 -12.26 -5.56 -7.67
CA LYS A 145 -12.97 -6.85 -7.67
C LYS A 145 -14.01 -6.86 -6.50
N MET A 146 -13.56 -6.43 -5.31
CA MET A 146 -14.46 -6.59 -4.09
C MET A 146 -15.69 -5.68 -4.25
N PHE A 147 -15.60 -4.56 -4.98
CA PHE A 147 -16.76 -3.64 -5.10
C PHE A 147 -17.48 -3.75 -6.39
N ALA A 148 -16.87 -4.35 -7.44
CA ALA A 148 -17.56 -4.34 -8.71
C ALA A 148 -17.50 -5.64 -9.51
N ASP A 149 -16.75 -6.66 -9.08
CA ASP A 149 -16.68 -7.95 -9.89
C ASP A 149 -17.64 -8.99 -9.27
N PRO A 150 -18.72 -9.40 -9.99
CA PRO A 150 -19.68 -10.28 -9.41
C PRO A 150 -19.08 -11.68 -9.36
N PHE A 151 -17.89 -11.93 -9.95
CA PHE A 151 -17.28 -13.28 -9.75
C PHE A 151 -16.52 -13.26 -8.38
N THR A 152 -16.34 -12.07 -7.75
CA THR A 152 -15.67 -11.99 -6.43
C THR A 152 -16.73 -11.79 -5.37
N THR A 153 -17.54 -10.75 -5.52
CA THR A 153 -18.50 -10.49 -4.52
C THR A 153 -19.90 -10.84 -4.90
N ALA A 154 -20.32 -11.97 -4.39
CA ALA A 154 -21.59 -12.54 -4.80
C ALA A 154 -22.75 -11.61 -4.35
N GLY A 155 -22.53 -10.76 -3.32
CA GLY A 155 -23.66 -9.86 -2.85
C GLY A 155 -24.11 -8.86 -3.91
N LEU A 156 -23.26 -8.54 -4.88
CA LEU A 156 -23.66 -7.59 -5.95
C LEU A 156 -24.85 -8.18 -6.68
N VAL A 157 -24.90 -9.50 -6.77
CA VAL A 157 -25.94 -10.16 -7.51
C VAL A 157 -27.03 -10.68 -6.57
N ILE A 158 -26.67 -11.23 -5.40
CA ILE A 158 -27.75 -11.92 -4.68
C ILE A 158 -28.26 -11.17 -3.43
N ASP A 159 -27.68 -10.00 -3.13
CA ASP A 159 -27.98 -9.18 -1.99
C ASP A 159 -28.65 -7.92 -2.48
N PRO A 160 -29.97 -7.81 -2.25
CA PRO A 160 -30.77 -6.65 -2.75
C PRO A 160 -30.17 -5.36 -2.29
N SER A 161 -29.54 -5.36 -1.12
CA SER A 161 -29.01 -4.09 -0.60
C SER A 161 -27.76 -3.55 -1.32
N MET A 162 -27.09 -4.36 -2.19
CA MET A 162 -25.83 -3.97 -2.84
C MET A 162 -26.02 -3.81 -4.33
N HIS A 163 -27.27 -3.95 -4.76
CA HIS A 163 -27.60 -3.95 -6.16
C HIS A 163 -27.28 -2.64 -6.84
N GLU A 164 -27.30 -1.54 -6.08
CA GLU A 164 -27.04 -0.26 -6.73
C GLU A 164 -25.58 0.07 -6.93
N GLY A 165 -24.66 -0.72 -6.37
CA GLY A 165 -23.25 -0.56 -6.74
C GLY A 165 -22.53 0.53 -5.94
N PHE A 166 -21.40 0.99 -6.45
CA PHE A 166 -20.48 1.79 -5.67
C PHE A 166 -19.91 2.93 -6.46
N ILE A 167 -19.37 3.91 -5.73
CA ILE A 167 -18.76 5.07 -6.34
C ILE A 167 -17.28 5.01 -6.06
N PHE A 168 -16.47 5.12 -7.12
CA PHE A 168 -15.03 5.08 -6.94
C PHE A 168 -14.47 6.46 -7.14
N GLU A 169 -13.62 6.87 -6.22
CA GLU A 169 -12.91 8.11 -6.37
C GLU A 169 -11.52 7.77 -6.80
N VAL A 170 -11.21 8.15 -8.03
CA VAL A 170 -9.95 7.75 -8.70
C VAL A 170 -9.04 9.00 -8.84
N LEU A 171 -7.84 8.96 -8.27
CA LEU A 171 -6.88 10.02 -8.38
C LEU A 171 -5.90 9.77 -9.53
N ASP A 172 -5.82 10.72 -10.47
CA ASP A 172 -4.70 10.77 -11.42
C ASP A 172 -3.57 11.43 -10.69
N VAL A 173 -2.56 10.65 -10.36
CA VAL A 173 -1.57 11.22 -9.51
C VAL A 173 -0.51 12.06 -10.34
N VAL A 174 -0.58 11.95 -11.65
CA VAL A 174 0.38 12.71 -12.51
C VAL A 174 -0.18 14.15 -12.76
N GLU A 175 -1.42 14.26 -13.26
CA GLU A 175 -1.96 15.59 -13.52
C GLU A 175 -2.82 16.11 -12.36
N HIS A 176 -2.86 15.43 -11.20
CA HIS A 176 -3.66 15.84 -10.00
C HIS A 176 -5.13 16.16 -10.34
N LYS A 177 -5.84 15.20 -10.91
CA LYS A 177 -7.26 15.27 -11.27
C LYS A 177 -7.98 14.11 -10.62
N VAL A 178 -9.20 14.34 -10.15
CA VAL A 178 -10.03 13.29 -9.55
C VAL A 178 -11.17 12.93 -10.47
N TYR A 179 -11.44 11.62 -10.61
CA TYR A 179 -12.58 11.16 -11.37
C TYR A 179 -13.49 10.42 -10.42
N LEU A 180 -14.80 10.56 -10.62
CA LEU A 180 -15.77 9.85 -9.88
C LEU A 180 -16.52 8.93 -10.79
N LEU A 181 -16.40 7.62 -10.59
CA LEU A 181 -17.03 6.71 -11.50
C LEU A 181 -17.98 5.78 -10.72
N LYS A 182 -19.08 5.34 -11.32
CA LYS A 182 -20.02 4.52 -10.60
C LYS A 182 -20.20 3.17 -11.29
N THR A 183 -20.17 2.09 -10.55
CA THR A 183 -20.41 0.78 -11.13
C THR A 183 -21.80 0.39 -10.73
N PRO A 184 -22.51 -0.40 -11.55
CA PRO A 184 -22.01 -1.14 -12.73
C PRO A 184 -21.85 -0.32 -14.01
N GLU A 185 -22.57 0.83 -14.21
CA GLU A 185 -22.69 1.49 -15.53
C GLU A 185 -21.32 1.88 -16.09
N ASP A 186 -20.44 2.37 -15.21
CA ASP A 186 -19.20 2.96 -15.64
C ASP A 186 -17.98 1.99 -15.54
N ALA A 187 -18.23 0.70 -15.39
CA ALA A 187 -17.15 -0.29 -15.11
C ALA A 187 -16.10 -0.29 -16.19
N TYR A 188 -16.50 -0.15 -17.46
CA TYR A 188 -15.48 -0.22 -18.51
C TYR A 188 -14.62 1.02 -18.56
N SER A 189 -15.20 2.21 -18.38
CA SER A 189 -14.37 3.40 -18.26
C SER A 189 -13.51 3.38 -17.05
N LEU A 190 -14.06 2.96 -15.92
CA LEU A 190 -13.23 2.86 -14.70
C LEU A 190 -11.98 2.00 -15.00
N LEU A 191 -12.20 0.84 -15.62
CA LEU A 191 -11.08 -0.10 -15.86
C LEU A 191 -10.06 0.46 -16.83
N GLY A 192 -10.58 1.29 -17.74
CA GLY A 192 -9.75 1.92 -18.74
C GLY A 192 -8.82 2.86 -18.01
N LEU A 193 -9.22 3.40 -16.85
CA LEU A 193 -8.30 4.26 -16.14
C LEU A 193 -7.46 3.39 -15.16
N ILE A 194 -8.12 2.64 -14.28
CA ILE A 194 -7.33 2.02 -13.16
C ILE A 194 -6.42 0.83 -13.53
N GLY A 195 -6.59 0.32 -14.74
CA GLY A 195 -5.67 -0.67 -15.35
C GLY A 195 -4.31 -0.07 -15.48
N THR A 196 -4.19 1.27 -15.56
CA THR A 196 -2.87 1.94 -15.56
C THR A 196 -2.49 2.30 -14.09
N THR A 197 -1.94 1.30 -13.38
CA THR A 197 -2.02 1.27 -11.91
C THR A 197 -0.99 2.26 -11.36
N GLY A 198 -0.05 2.69 -12.18
CA GLY A 198 0.96 3.65 -11.75
C GLY A 198 0.47 5.11 -11.83
N ARG A 199 -0.65 5.31 -12.46
CA ARG A 199 -1.10 6.71 -12.68
C ARG A 199 -2.49 6.97 -12.08
N TYR A 200 -3.46 6.07 -12.32
CA TYR A 200 -4.83 6.27 -11.87
C TYR A 200 -5.13 5.26 -10.75
N ILE A 201 -5.27 5.78 -9.54
CA ILE A 201 -5.33 4.94 -8.38
C ILE A 201 -6.66 5.15 -7.66
N ILE A 202 -7.33 4.06 -7.30
CA ILE A 202 -8.57 4.19 -6.47
C ILE A 202 -8.16 4.72 -5.13
N ARG A 203 -8.71 5.88 -4.72
CA ARG A 203 -8.34 6.44 -3.41
C ARG A 203 -9.49 6.18 -2.36
N LYS A 204 -10.75 6.33 -2.77
CA LYS A 204 -11.81 6.03 -1.87
C LYS A 204 -12.90 5.31 -2.62
N VAL A 205 -13.74 4.58 -1.86
CA VAL A 205 -14.91 4.01 -2.43
C VAL A 205 -16.12 4.30 -1.49
N PHE A 206 -17.25 4.65 -2.09
CA PHE A 206 -18.47 4.95 -1.35
C PHE A 206 -19.60 4.09 -1.81
N ARG A 207 -20.46 3.71 -0.88
CA ARG A 207 -21.66 3.03 -1.21
C ARG A 207 -22.61 3.97 -2.02
N ARG A 208 -23.15 3.51 -3.15
CA ARG A 208 -24.00 4.38 -3.98
C ARG A 208 -25.39 4.63 -3.34
N ALA A 209 -25.89 3.67 -2.59
CA ALA A 209 -27.23 3.79 -1.98
C ALA A 209 -27.32 5.06 -1.10
N ASP A 210 -26.28 5.37 -0.32
CA ASP A 210 -26.38 6.45 0.69
C ASP A 210 -25.09 7.26 0.78
N GLY A 211 -24.06 6.93 -0.04
CA GLY A 211 -22.82 7.66 0.06
C GLY A 211 -21.95 7.18 1.22
N ALA A 212 -22.31 6.13 1.94
CA ALA A 212 -21.46 5.77 3.12
C ALA A 212 -19.99 5.44 2.68
N PRO A 213 -18.98 5.78 3.48
CA PRO A 213 -17.62 5.46 3.01
C PRO A 213 -17.40 3.95 3.17
N ALA A 214 -16.77 3.31 2.16
CA ALA A 214 -16.63 1.84 2.20
C ALA A 214 -15.13 1.48 2.27
N ALA A 215 -14.25 2.26 1.61
CA ALA A 215 -12.80 2.01 1.64
C ALA A 215 -12.02 3.28 1.41
N ALA A 216 -10.80 3.27 1.91
CA ALA A 216 -9.84 4.34 1.71
C ALA A 216 -8.48 3.68 1.55
N ASN A 217 -7.83 4.06 0.43
CA ASN A 217 -6.50 3.52 0.03
C ASN A 217 -5.53 4.71 0.14
N SER A 218 -4.33 4.54 0.65
CA SER A 218 -3.38 5.63 0.80
C SER A 218 -2.67 5.94 -0.55
N VAL A 219 -2.92 7.11 -1.09
CA VAL A 219 -2.29 7.57 -2.30
C VAL A 219 -2.27 9.11 -2.35
N GLU A 220 -1.19 9.72 -2.87
CA GLU A 220 -1.12 11.21 -2.98
C GLU A 220 -0.65 11.51 -4.42
N ARG A 221 -0.96 12.71 -4.90
CA ARG A 221 -0.43 13.17 -6.18
C ARG A 221 1.09 13.05 -6.13
N LEU A 222 1.76 12.84 -7.26
CA LEU A 222 3.24 12.83 -7.19
C LEU A 222 3.77 14.27 -6.94
N SER A 223 4.79 14.38 -6.09
CA SER A 223 5.57 15.62 -5.96
C SER A 223 7.02 15.21 -5.97
N LEU A 224 7.91 16.20 -6.06
CA LEU A 224 9.37 15.97 -5.99
C LEU A 224 9.94 16.63 -4.72
N ILE A 225 10.66 15.84 -3.91
CA ILE A 225 11.45 16.38 -2.79
C ILE A 225 12.86 15.76 -2.83
N ALA A 226 13.91 16.59 -2.78
CA ALA A 226 15.30 16.11 -2.86
C ALA A 226 15.43 15.29 -4.16
N GLY A 227 16.01 14.08 -4.15
CA GLY A 227 16.02 13.27 -5.40
C GLY A 227 14.62 12.71 -5.76
N ARG A 228 13.75 12.70 -4.74
CA ARG A 228 12.69 11.71 -4.59
C ARG A 228 11.24 12.09 -4.95
N TYR A 229 10.58 11.18 -5.66
CA TYR A 229 9.14 11.25 -5.92
C TYR A 229 8.41 10.67 -4.72
N VAL A 230 7.39 11.37 -4.25
CA VAL A 230 6.56 10.88 -3.17
C VAL A 230 5.14 10.80 -3.70
N GLY A 231 4.39 9.82 -3.17
CA GLY A 231 2.92 9.73 -3.40
C GLY A 231 2.53 8.26 -3.48
N LYS A 232 3.47 7.52 -4.11
CA LYS A 232 3.36 6.08 -4.42
C LYS A 232 4.32 5.08 -3.62
N ASP A 233 4.68 5.47 -2.42
CA ASP A 233 5.28 4.66 -1.42
C ASP A 233 4.30 3.51 -1.04
N ASP A 234 4.79 2.50 -0.35
CA ASP A 234 4.01 1.22 -0.11
C ASP A 234 2.72 1.59 0.59
N PRO A 235 1.60 1.02 0.13
CA PRO A 235 0.31 1.52 0.59
C PRO A 235 -0.29 0.80 1.83
N VAL A 236 -1.31 1.47 2.42
CA VAL A 236 -2.14 0.85 3.47
C VAL A 236 -3.56 1.11 3.06
N LEU A 237 -4.52 0.30 3.55
CA LEU A 237 -5.85 0.28 2.93
C LEU A 237 -6.81 -0.08 4.10
N LEU A 238 -7.89 0.68 4.20
CA LEU A 238 -8.98 0.34 5.15
C LEU A 238 -10.22 -0.02 4.41
N VAL A 239 -10.92 -1.07 4.87
CA VAL A 239 -12.16 -1.46 4.23
C VAL A 239 -13.17 -1.79 5.32
N ARG A 240 -14.39 -1.24 5.18
CA ARG A 240 -15.51 -1.65 6.09
C ARG A 240 -16.28 -2.74 5.42
N ALA A 241 -16.80 -3.68 6.18
CA ALA A 241 -17.40 -4.85 5.67
C ALA A 241 -18.82 -5.03 6.16
N GLN A 242 -19.57 -5.87 5.45
CA GLN A 242 -20.92 -6.43 5.82
C GLN A 242 -22.08 -5.42 5.70
N SER A 243 -23.31 -5.93 5.71
CA SER A 243 -24.53 -5.06 5.70
C SER A 243 -24.65 -4.03 4.63
N GLY A 244 -24.64 -4.48 3.35
CA GLY A 244 -24.67 -3.51 2.29
C GLY A 244 -23.27 -3.28 1.73
N LEU A 245 -22.24 -3.60 2.51
CA LEU A 245 -20.87 -3.53 2.01
C LEU A 245 -20.43 -5.01 1.86
N PRO A 246 -19.33 -5.25 1.08
CA PRO A 246 -18.92 -6.66 0.87
C PRO A 246 -18.64 -7.31 2.22
N ALA A 247 -19.02 -8.60 2.32
CA ALA A 247 -18.70 -9.42 3.47
C ALA A 247 -17.22 -9.50 3.65
N VAL A 248 -16.80 -9.77 4.86
CA VAL A 248 -15.34 -9.91 5.13
C VAL A 248 -14.75 -10.93 4.13
N GLY A 249 -15.50 -12.03 3.88
CA GLY A 249 -14.93 -13.05 2.96
C GLY A 249 -14.88 -12.58 1.51
N GLU A 250 -15.76 -11.67 1.08
CA GLU A 250 -15.73 -11.14 -0.30
C GLU A 250 -14.57 -10.20 -0.41
N VAL A 251 -14.37 -9.40 0.64
CA VAL A 251 -13.14 -8.57 0.64
C VAL A 251 -11.86 -9.44 0.50
N LEU A 252 -11.77 -10.51 1.27
CA LEU A 252 -10.53 -11.37 1.21
C LEU A 252 -10.42 -12.13 -0.11
N GLU A 253 -11.55 -12.59 -0.63
CA GLU A 253 -11.59 -13.24 -1.97
C GLU A 253 -10.94 -12.37 -3.03
N ALA A 254 -10.99 -11.05 -2.88
CA ALA A 254 -10.41 -10.17 -3.89
C ALA A 254 -8.88 -10.22 -3.90
N PHE A 255 -8.31 -10.84 -2.86
CA PHE A 255 -6.86 -11.10 -2.78
C PHE A 255 -6.45 -12.55 -3.03
N ALA A 256 -7.44 -13.36 -3.43
CA ALA A 256 -7.17 -14.79 -3.54
C ALA A 256 -6.40 -15.14 -4.83
N HIS A 257 -6.29 -14.21 -5.75
CA HIS A 257 -5.41 -14.45 -6.91
C HIS A 257 -4.20 -13.53 -6.66
N PRO A 258 -2.96 -14.08 -6.58
CA PRO A 258 -1.83 -13.23 -6.24
C PRO A 258 -1.30 -12.48 -7.48
N HIS A 259 -2.00 -11.40 -7.84
CA HIS A 259 -1.77 -10.77 -9.19
C HIS A 259 -0.38 -10.07 -9.21
N LEU A 260 0.13 -9.77 -10.42
CA LEU A 260 1.41 -9.18 -10.55
C LEU A 260 1.22 -7.68 -10.19
N VAL A 261 2.11 -7.18 -9.37
CA VAL A 261 2.07 -5.71 -9.00
C VAL A 261 3.48 -5.12 -9.25
N HIS A 262 3.54 -3.82 -9.40
CA HIS A 262 4.80 -3.09 -9.54
C HIS A 262 5.44 -2.80 -8.22
N GLY A 263 6.73 -3.02 -8.16
CA GLY A 263 7.57 -2.66 -6.96
C GLY A 263 8.68 -3.70 -6.84
N TRP A 264 8.62 -4.51 -5.77
CA TRP A 264 9.67 -5.54 -5.54
C TRP A 264 11.05 -4.88 -5.57
N MET A 265 12.08 -5.57 -6.05
CA MET A 265 13.47 -5.09 -5.90
C MET A 265 13.62 -3.68 -6.54
N ARG A 266 14.22 -2.74 -5.77
CA ARG A 266 14.55 -1.37 -6.21
C ARG A 266 13.33 -0.65 -6.76
N GLY A 267 12.10 -1.06 -6.32
CA GLY A 267 10.82 -0.39 -6.81
C GLY A 267 10.71 -0.46 -8.33
N SER A 268 11.44 -1.43 -8.96
CA SER A 268 11.60 -1.43 -10.42
C SER A 268 11.22 -2.74 -11.14
N HIS A 269 10.41 -3.58 -10.51
CA HIS A 269 10.06 -4.86 -11.11
C HIS A 269 8.59 -5.17 -10.90
N ALA A 270 8.11 -6.24 -11.52
CA ALA A 270 6.72 -6.69 -11.29
C ALA A 270 6.81 -8.12 -10.73
N GLY A 271 5.98 -8.40 -9.73
CA GLY A 271 6.01 -9.76 -9.17
C GLY A 271 4.67 -9.95 -8.44
N PRO A 272 4.39 -11.18 -8.09
CA PRO A 272 3.08 -11.49 -7.51
C PRO A 272 2.89 -10.99 -6.04
N LEU A 273 1.67 -10.49 -5.73
CA LEU A 273 1.38 -9.97 -4.41
C LEU A 273 0.95 -11.17 -3.58
N MET A 274 1.81 -11.55 -2.65
CA MET A 274 1.50 -12.74 -1.87
C MET A 274 0.71 -12.32 -0.56
N PRO A 275 -0.46 -12.89 -0.34
CA PRO A 275 -1.25 -12.65 0.91
C PRO A 275 -0.57 -13.47 2.02
N ALA A 276 0.06 -12.82 3.00
CA ALA A 276 0.91 -13.52 3.91
C ALA A 276 0.32 -13.49 5.33
N ARG A 277 0.73 -14.46 6.11
CA ARG A 277 0.39 -14.50 7.55
C ARG A 277 1.30 -13.53 8.30
N PHE A 278 0.78 -13.02 9.43
CA PHE A 278 1.71 -12.39 10.43
C PHE A 278 2.48 -13.44 11.16
N ILE A 279 3.72 -13.15 11.53
CA ILE A 279 4.53 -14.03 12.39
C ILE A 279 3.87 -14.13 13.77
N SER A 280 3.38 -13.01 14.36
CA SER A 280 2.68 -13.08 15.63
C SER A 280 1.69 -11.91 15.76
N VAL A 281 0.59 -12.12 16.49
CA VAL A 281 -0.39 -11.06 16.66
C VAL A 281 -0.68 -11.09 18.17
N ASP A 282 -0.45 -9.97 18.87
CA ASP A 282 -0.62 -9.92 20.36
C ASP A 282 -1.68 -8.80 20.67
N PRO A 283 -2.93 -9.18 20.76
CA PRO A 283 -4.02 -8.22 20.91
C PRO A 283 -3.94 -7.46 22.22
N GLU A 284 -3.25 -8.00 23.21
CA GLU A 284 -3.08 -7.34 24.52
C GLU A 284 -2.01 -6.30 24.47
N ARG A 285 -0.88 -6.59 23.84
CA ARG A 285 0.12 -5.54 23.68
C ARG A 285 -0.09 -4.60 22.50
N ARG A 286 -1.11 -4.87 21.68
CA ARG A 286 -1.53 -3.99 20.55
C ARG A 286 -0.48 -4.03 19.43
N ILE A 287 0.20 -5.18 19.26
CA ILE A 287 1.33 -5.29 18.32
C ILE A 287 1.23 -6.60 17.52
N ALA A 288 1.42 -6.50 16.19
CA ALA A 288 1.52 -7.71 15.30
C ALA A 288 2.83 -7.62 14.56
N ILE A 289 3.61 -8.72 14.44
CA ILE A 289 4.85 -8.63 13.67
C ILE A 289 4.57 -9.31 12.33
N GLY A 290 4.80 -8.60 11.21
CA GLY A 290 4.32 -9.09 9.93
C GLY A 290 5.50 -9.90 9.29
N PRO A 291 5.33 -10.32 8.04
CA PRO A 291 6.31 -11.23 7.34
C PRO A 291 7.58 -10.44 6.82
N LYS A 292 8.68 -11.15 6.58
CA LYS A 292 9.89 -10.59 6.06
C LYS A 292 9.79 -10.53 4.57
N MET A 293 10.66 -9.73 3.97
CA MET A 293 10.92 -9.77 2.53
C MET A 293 12.28 -10.42 2.35
N THR A 294 12.39 -11.43 1.45
CA THR A 294 13.63 -12.18 1.35
C THR A 294 14.07 -12.14 -0.10
N ARG A 295 13.69 -13.11 -0.93
CA ARG A 295 14.37 -13.20 -2.25
C ARG A 295 14.02 -12.02 -3.07
N PHE A 296 15.05 -11.36 -3.58
CA PHE A 296 14.88 -10.22 -4.48
C PHE A 296 14.08 -9.08 -3.75
N ASP A 297 14.20 -9.03 -2.41
CA ASP A 297 13.52 -8.01 -1.53
C ASP A 297 12.02 -8.24 -1.61
N GLY A 298 11.57 -9.53 -1.65
CA GLY A 298 10.06 -9.71 -1.69
C GLY A 298 9.85 -11.21 -1.56
N PRO A 299 8.99 -11.75 -2.43
CA PRO A 299 8.06 -11.02 -3.39
C PRO A 299 7.20 -10.06 -2.54
N PRO A 300 6.51 -9.12 -3.18
CA PRO A 300 5.64 -8.17 -2.47
C PRO A 300 4.66 -8.94 -1.68
N LYS A 301 4.26 -8.41 -0.52
CA LYS A 301 3.30 -9.19 0.31
C LYS A 301 2.29 -8.22 0.88
N VAL A 302 1.11 -8.77 1.17
CA VAL A 302 0.03 -7.99 1.78
C VAL A 302 -0.39 -8.77 3.04
N GLY A 303 -0.56 -8.02 4.15
CA GLY A 303 -1.16 -8.65 5.40
C GLY A 303 -2.56 -8.01 5.63
N ALA A 304 -3.43 -8.74 6.31
CA ALA A 304 -4.79 -8.32 6.59
C ALA A 304 -5.13 -8.59 8.07
N LEU A 305 -5.56 -7.52 8.80
CA LEU A 305 -5.94 -7.68 10.23
C LEU A 305 -7.37 -7.18 10.30
N GLY A 306 -8.24 -8.03 10.84
CA GLY A 306 -9.63 -7.67 10.93
C GLY A 306 -9.89 -7.22 12.38
N PHE A 307 -10.86 -6.30 12.54
CA PHE A 307 -11.18 -5.72 13.87
C PHE A 307 -12.69 -5.57 13.96
N GLN A 308 -13.18 -5.58 15.21
CA GLN A 308 -14.61 -5.12 15.44
C GLN A 308 -14.52 -3.86 16.33
N LEU A 309 -15.15 -2.76 15.91
CA LEU A 309 -15.06 -1.48 16.60
C LEU A 309 -16.24 -1.44 17.62
N HIS A 310 -15.98 -0.95 18.81
CA HIS A 310 -17.11 -0.68 19.77
C HIS A 310 -16.79 0.65 20.55
N GLU A 311 -17.58 1.67 20.25
CA GLU A 311 -17.30 2.99 20.81
C GLU A 311 -15.89 3.42 20.44
N GLY A 312 -15.40 2.94 19.27
CA GLY A 312 -14.04 3.33 18.85
C GLY A 312 -12.94 2.40 19.31
N TYR A 313 -13.26 1.50 20.23
CA TYR A 313 -12.27 0.55 20.71
C TYR A 313 -12.05 -0.53 19.62
N LEU A 314 -10.82 -1.00 19.47
CA LEU A 314 -10.45 -1.93 18.39
C LEU A 314 -10.32 -3.32 19.00
N GLU A 315 -11.32 -4.16 18.87
CA GLU A 315 -11.15 -5.49 19.33
C GLU A 315 -10.51 -6.23 18.13
N GLY A 316 -9.34 -6.83 18.32
CA GLY A 316 -8.55 -7.59 17.25
C GLY A 316 -7.09 -7.27 17.56
N GLY A 317 -6.19 -7.37 16.57
CA GLY A 317 -6.58 -7.74 15.21
C GLY A 317 -6.57 -9.26 15.04
N VAL A 318 -7.24 -9.71 13.99
CA VAL A 318 -7.33 -11.12 13.64
C VAL A 318 -6.59 -11.24 12.23
N ASP A 319 -5.58 -12.09 12.15
CA ASP A 319 -4.87 -12.36 10.81
C ASP A 319 -5.82 -13.07 9.84
N LEU A 320 -6.32 -12.37 8.81
CA LEU A 320 -7.36 -12.96 8.03
C LEU A 320 -6.79 -13.76 6.77
N PHE A 321 -5.50 -13.86 6.62
CA PHE A 321 -4.91 -14.78 5.53
C PHE A 321 -4.38 -16.09 6.15
N ASP A 322 -4.82 -16.34 7.40
CA ASP A 322 -4.34 -17.53 8.15
C ASP A 322 -5.35 -18.64 8.00
N ASP A 323 -5.19 -19.45 6.96
CA ASP A 323 -6.14 -20.49 6.55
C ASP A 323 -5.40 -21.32 5.50
N PRO A 324 -5.51 -22.67 5.57
CA PRO A 324 -4.90 -23.51 4.53
C PRO A 324 -5.39 -23.15 3.16
N ALA A 325 -6.59 -22.60 3.03
CA ALA A 325 -7.03 -22.18 1.64
C ALA A 325 -6.09 -21.13 1.07
N PHE A 326 -5.58 -20.23 1.92
CA PHE A 326 -4.59 -19.31 1.41
C PHE A 326 -3.16 -19.85 1.28
N ASP A 327 -2.86 -21.02 1.84
CA ASP A 327 -1.55 -21.60 1.50
C ASP A 327 -1.42 -21.89 0.05
N TYR A 328 -2.49 -22.32 -0.60
CA TYR A 328 -2.46 -22.61 -2.01
C TYR A 328 -2.18 -21.32 -2.78
N VAL A 329 -2.77 -20.21 -2.36
CA VAL A 329 -2.51 -18.93 -2.98
C VAL A 329 -1.04 -18.49 -2.73
N ARG A 330 -0.49 -18.76 -1.56
CA ARG A 330 0.96 -18.42 -1.33
C ARG A 330 1.86 -19.33 -2.17
N GLN A 331 1.47 -20.58 -2.27
CA GLN A 331 2.26 -21.53 -3.13
C GLN A 331 2.27 -21.06 -4.59
N THR A 332 1.11 -20.65 -5.14
CA THR A 332 1.08 -20.10 -6.49
C THR A 332 1.98 -18.88 -6.55
N ALA A 333 1.89 -17.96 -5.56
CA ALA A 333 2.74 -16.80 -5.61
C ALA A 333 4.26 -17.18 -5.57
N ALA A 334 4.65 -18.11 -4.72
CA ALA A 334 6.08 -18.52 -4.69
C ALA A 334 6.51 -19.09 -6.07
N GLN A 335 5.64 -19.85 -6.75
CA GLN A 335 6.01 -20.44 -7.99
C GLN A 335 6.08 -19.39 -9.09
N ILE A 336 5.13 -18.44 -9.11
CA ILE A 336 5.16 -17.37 -10.12
C ILE A 336 6.38 -16.45 -9.93
N ALA A 337 6.77 -16.25 -8.65
CA ALA A 337 7.95 -15.40 -8.35
C ALA A 337 9.16 -16.09 -8.99
N ASP A 338 9.23 -17.41 -8.85
CA ASP A 338 10.43 -18.11 -9.36
C ASP A 338 10.43 -18.10 -10.91
N TYR A 339 9.26 -18.31 -11.52
CA TYR A 339 9.13 -18.21 -12.94
C TYR A 339 9.55 -16.81 -13.45
N ILE A 340 8.95 -15.74 -12.90
CA ILE A 340 9.19 -14.45 -13.54
C ILE A 340 10.60 -13.98 -13.31
N ARG A 341 11.24 -14.42 -12.22
CA ARG A 341 12.61 -13.95 -11.92
C ARG A 341 13.64 -14.42 -12.95
N ARG A 342 13.31 -15.50 -13.66
CA ARG A 342 14.23 -16.02 -14.69
C ARG A 342 14.28 -15.03 -15.86
N MET A 343 13.41 -14.03 -15.85
CA MET A 343 13.47 -13.01 -16.91
C MET A 343 14.54 -11.97 -16.66
N GLY A 344 15.05 -11.90 -15.46
CA GLY A 344 16.18 -10.94 -15.16
C GLY A 344 15.79 -9.50 -15.50
N PRO A 345 16.65 -8.75 -16.20
CA PRO A 345 16.30 -7.29 -16.35
C PRO A 345 15.48 -6.88 -17.56
N PHE A 346 14.57 -7.73 -18.07
CA PHE A 346 13.70 -7.39 -19.25
C PHE A 346 12.30 -7.07 -18.85
N GLN A 347 11.70 -6.06 -19.47
CA GLN A 347 10.25 -5.90 -19.37
C GLN A 347 9.59 -7.19 -19.88
N PRO A 348 8.43 -7.56 -19.34
CA PRO A 348 7.68 -6.78 -18.32
C PRO A 348 8.02 -7.17 -16.86
N HIS A 349 9.04 -8.00 -16.64
CA HIS A 349 9.43 -8.26 -15.27
C HIS A 349 10.11 -6.96 -14.71
N ARG A 350 11.01 -6.37 -15.46
CA ARG A 350 11.50 -5.00 -15.09
C ARG A 350 10.42 -4.02 -15.58
N LEU A 351 10.16 -2.93 -14.83
CA LEU A 351 9.08 -2.04 -15.24
C LEU A 351 9.42 -1.18 -16.48
N PRO A 352 8.41 -0.50 -17.05
CA PRO A 352 8.52 0.43 -18.16
C PRO A 352 9.47 1.58 -17.72
N PRO A 353 10.24 2.14 -18.64
CA PRO A 353 11.34 3.04 -18.21
C PRO A 353 10.79 4.33 -17.46
N GLU A 354 9.58 4.74 -17.76
CA GLU A 354 9.03 5.91 -17.10
C GLU A 354 8.54 5.57 -15.70
N GLU A 355 8.30 4.28 -15.39
CA GLU A 355 7.79 3.81 -14.09
C GLU A 355 8.85 3.33 -13.17
N MET A 356 10.12 3.47 -13.56
N MET A 356 10.11 3.42 -13.54
CA MET A 356 11.21 2.85 -12.81
CA MET A 356 11.11 2.73 -12.72
C MET A 356 11.45 3.77 -11.63
C MET A 356 11.64 3.66 -11.67
N GLU A 357 11.60 3.21 -10.41
CA GLU A 357 12.20 3.97 -9.28
C GLU A 357 13.74 4.25 -9.49
N TYR A 358 14.49 3.22 -9.96
CA TYR A 358 15.95 3.25 -10.25
C TYR A 358 16.23 3.41 -11.77
N THR A 359 17.11 4.30 -12.21
CA THR A 359 17.75 4.04 -13.53
C THR A 359 19.21 4.43 -13.67
N ALA A 360 19.92 3.67 -14.52
CA ALA A 360 21.24 4.08 -14.98
C ALA A 360 21.22 4.54 -16.47
N LEU A 361 20.02 4.76 -17.04
CA LEU A 361 19.90 5.16 -18.48
C LEU A 361 20.83 6.35 -18.82
N PRO A 362 20.68 7.49 -18.06
CA PRO A 362 21.63 8.62 -17.93
C PRO A 362 23.10 8.23 -18.08
N LYS A 363 23.61 7.44 -17.15
CA LYS A 363 25.00 7.01 -17.29
C LYS A 363 25.32 6.20 -18.59
N ILE A 364 24.34 5.42 -19.05
CA ILE A 364 24.56 4.64 -20.30
C ILE A 364 24.63 5.56 -21.54
N LEU A 365 23.58 6.37 -21.71
CA LEU A 365 23.51 7.25 -22.87
C LEU A 365 24.69 8.27 -22.88
N ALA A 366 25.32 8.50 -21.72
CA ALA A 366 26.58 9.28 -21.67
C ALA A 366 27.85 8.53 -22.05
N LYS A 367 27.84 7.22 -22.12
CA LYS A 367 29.03 6.49 -22.54
C LYS A 367 28.93 5.83 -23.93
N VAL A 368 27.69 5.54 -24.35
CA VAL A 368 27.50 4.77 -25.61
C VAL A 368 27.19 5.72 -26.76
N LYS A 369 28.02 5.64 -27.79
CA LYS A 369 27.92 6.49 -28.97
C LYS A 369 26.71 6.12 -29.84
N PRO A 370 25.78 7.07 -30.07
CA PRO A 370 24.67 6.73 -30.96
C PRO A 370 25.03 7.08 -32.44
N TYR A 371 24.57 6.31 -33.41
CA TYR A 371 24.70 6.72 -34.79
C TYR A 371 23.34 6.98 -35.29
N PRO A 372 23.15 8.13 -35.98
CA PRO A 372 21.87 8.30 -36.74
C PRO A 372 21.63 7.07 -37.59
N ALA A 373 20.42 6.50 -37.54
CA ALA A 373 20.10 5.25 -38.22
C ALA A 373 20.29 5.31 -39.75
N ASP A 374 20.02 6.46 -40.36
CA ASP A 374 20.21 6.67 -41.82
C ASP A 374 21.66 6.57 -42.29
N GLN A 375 22.50 7.31 -41.64
CA GLN A 375 23.86 7.24 -42.01
C GLN A 375 24.46 5.91 -41.66
N TYR A 376 24.03 5.35 -40.51
CA TYR A 376 24.55 4.04 -40.07
C TYR A 376 24.46 2.98 -41.13
N GLU A 377 23.28 2.80 -41.72
CA GLU A 377 23.07 1.85 -42.83
C GLU A 377 24.16 1.89 -43.91
N LYS A 378 24.44 3.09 -44.40
CA LYS A 378 25.47 3.28 -45.45
C LYS A 378 26.84 2.74 -45.05
N ASP A 379 27.19 2.92 -43.78
CA ASP A 379 28.52 2.67 -43.25
C ASP A 379 28.63 1.46 -42.32
N ARG A 380 27.61 0.61 -42.27
CA ARG A 380 27.60 -0.51 -41.28
C ARG A 380 28.94 -1.27 -41.26
N LYS A 381 29.33 -1.72 -42.46
CA LYS A 381 30.61 -2.41 -42.68
C LYS A 381 31.79 -1.67 -42.09
N LYS A 382 31.82 -0.34 -42.22
CA LYS A 382 33.03 0.36 -41.70
C LYS A 382 33.00 0.29 -40.20
N TYR A 383 31.79 0.57 -39.69
CA TYR A 383 31.56 0.61 -38.26
C TYR A 383 31.90 -0.69 -37.59
N ILE A 384 31.44 -1.80 -38.18
CA ILE A 384 31.77 -3.15 -37.64
C ILE A 384 33.26 -3.46 -37.74
N GLU A 385 33.90 -3.20 -38.90
CA GLU A 385 35.35 -3.45 -39.01
C GLU A 385 36.15 -2.64 -37.98
N ALA A 386 35.73 -1.39 -37.79
CA ALA A 386 36.27 -0.53 -36.75
C ALA A 386 36.19 -1.19 -35.39
N VAL A 387 34.97 -1.65 -35.01
CA VAL A 387 34.83 -2.32 -33.72
C VAL A 387 35.68 -3.56 -33.66
N VAL A 388 35.80 -4.32 -34.76
CA VAL A 388 36.58 -5.56 -34.78
C VAL A 388 38.12 -5.35 -34.65
N LYS A 389 38.65 -4.41 -35.45
CA LYS A 389 40.10 -4.23 -35.67
C LYS A 389 41.00 -4.40 -34.40
#